data_7UIR
#
_entry.id   7UIR
#
_cell.length_a   43.494
_cell.length_b   138.835
_cell.length_c   154.968
_cell.angle_alpha   90.000
_cell.angle_beta   90.000
_cell.angle_gamma   90.000
#
_symmetry.space_group_name_H-M   'P 21 21 21'
#
loop_
_entity.id
_entity.type
_entity.pdbx_description
1 polymer 'Calcium/calmodulin-dependent protein kinase type II subunit alpha'
2 polymer 'T-lymphoma invasion and metastasis-inducing protein 1'
3 non-polymer '4-(2-HYDROXYETHYL)-1-PIPERAZINE ETHANESULFONIC ACID'
4 non-polymer "ADENOSINE-5'-TRIPHOSPHATE"
5 non-polymer 'MAGNESIUM ION'
#
loop_
_entity_poly.entity_id
_entity_poly.type
_entity_poly.pdbx_seq_one_letter_code
_entity_poly.pdbx_strand_id
1 'polypeptide(L)'
;TRFTEEYQLFEELGKGAFSVVRRCVKVLAGQEYAAKIINTKKLSARDHQKLEREARICRLLKHPNIVRLHDSISEEGHHY
LIFDLVTGGELFEDIVAREYYSEADASHCIQQILEAVLHCHQMGVVHRNLKPENLLLASKLKGAAVKLADFGLAIEVEGE
QQAWFGFAGTPGYLSPEVLRKDPYGKPVDLWACGVILYILLVGYPPFWDEDQHRLYKQIKAGAYDFPSPEWDTVTPEAKD
LINKMLTINPSKRITAAEALKHPWISHR
;
A,B
2 'polypeptide(L)' RTLDSHASRMTQLKKQAAL C,D
#
# COMPACT_ATOMS: atom_id res chain seq x y z
N THR A 1 -8.02 -50.49 12.27
CA THR A 1 -8.72 -51.13 11.11
C THR A 1 -7.67 -51.66 10.13
N ARG A 2 -7.75 -51.27 8.84
CA ARG A 2 -6.94 -51.83 7.72
C ARG A 2 -6.40 -50.67 6.87
N PHE A 3 -5.43 -49.91 7.38
CA PHE A 3 -4.62 -48.96 6.59
C PHE A 3 -3.18 -49.46 6.53
N THR A 4 -2.58 -49.67 7.71
CA THR A 4 -1.22 -50.25 7.87
C THR A 4 -1.24 -51.68 7.32
N GLU A 5 -2.36 -52.14 6.74
CA GLU A 5 -2.48 -53.43 6.00
C GLU A 5 -2.22 -53.23 4.50
N GLU A 6 -2.72 -52.14 3.94
CA GLU A 6 -2.82 -51.93 2.46
C GLU A 6 -1.78 -50.92 1.95
N TYR A 7 -1.38 -49.92 2.75
CA TYR A 7 -0.44 -48.85 2.35
C TYR A 7 0.87 -48.97 3.14
N GLN A 8 1.88 -48.20 2.75
CA GLN A 8 3.19 -48.08 3.45
C GLN A 8 3.74 -46.67 3.25
N LEU A 9 4.06 -45.97 4.34
CA LEU A 9 4.41 -44.53 4.38
C LEU A 9 5.87 -44.34 3.96
N PHE A 10 6.18 -43.19 3.34
CA PHE A 10 7.56 -42.71 3.07
C PHE A 10 7.65 -41.25 3.54
N GLU A 11 8.43 -40.41 2.86
CA GLU A 11 8.85 -39.06 3.34
C GLU A 11 7.65 -38.18 3.66
N GLU A 12 7.85 -37.21 4.58
CA GLU A 12 6.91 -36.10 4.88
C GLU A 12 6.89 -35.15 3.68
N LEU A 13 5.71 -34.60 3.35
CA LEU A 13 5.51 -33.69 2.19
C LEU A 13 5.08 -32.30 2.69
N GLY A 14 4.62 -32.21 3.94
CA GLY A 14 4.17 -30.95 4.56
C GLY A 14 3.51 -31.20 5.90
N LYS A 15 3.62 -30.23 6.80
CA LYS A 15 2.86 -30.15 8.07
C LYS A 15 1.67 -29.22 7.81
N GLY A 16 0.52 -29.52 8.40
CA GLY A 16 -0.57 -28.57 8.64
C GLY A 16 -0.68 -28.30 10.13
N ALA A 17 -1.77 -27.66 10.57
CA ALA A 17 -2.07 -27.40 11.99
C ALA A 17 -2.04 -28.73 12.77
N PHE A 18 -3.07 -29.56 12.57
CA PHE A 18 -3.33 -30.82 13.32
C PHE A 18 -2.78 -32.05 12.58
N SER A 19 -2.17 -31.85 11.40
CA SER A 19 -1.95 -32.89 10.36
C SER A 19 -0.47 -33.01 9.97
N VAL A 20 -0.18 -34.05 9.17
CA VAL A 20 1.11 -34.32 8.49
C VAL A 20 0.81 -35.10 7.20
N VAL A 21 1.21 -34.58 6.04
CA VAL A 21 1.03 -35.23 4.71
C VAL A 21 2.34 -35.92 4.33
N ARG A 22 2.25 -37.16 3.82
CA ARG A 22 3.38 -38.08 3.56
C ARG A 22 3.08 -38.90 2.31
N ARG A 23 4.03 -39.03 1.37
CA ARG A 23 3.91 -39.93 0.22
C ARG A 23 3.75 -41.36 0.75
N CYS A 24 2.73 -42.08 0.30
CA CYS A 24 2.45 -43.49 0.67
C CYS A 24 2.21 -44.31 -0.59
N VAL A 25 2.26 -45.64 -0.50
CA VAL A 25 1.99 -46.57 -1.63
C VAL A 25 1.02 -47.67 -1.16
N LYS A 26 0.01 -47.99 -1.99
CA LYS A 26 -0.89 -49.17 -1.84
C LYS A 26 -0.10 -50.40 -2.26
N VAL A 27 0.24 -51.29 -1.32
CA VAL A 27 1.29 -52.34 -1.52
C VAL A 27 0.80 -53.44 -2.46
N LEU A 28 -0.50 -53.65 -2.60
CA LEU A 28 -1.05 -54.64 -3.57
C LEU A 28 -0.88 -54.04 -4.97
N ALA A 29 -1.45 -52.84 -5.19
CA ALA A 29 -1.49 -52.11 -6.48
C ALA A 29 -0.08 -51.66 -6.91
N GLY A 30 0.77 -51.25 -5.95
CA GLY A 30 2.06 -50.58 -6.21
C GLY A 30 1.85 -49.15 -6.70
N GLN A 31 0.86 -48.44 -6.15
CA GLN A 31 0.40 -47.12 -6.62
C GLN A 31 0.74 -46.02 -5.60
N GLU A 32 1.53 -45.01 -6.04
CA GLU A 32 1.88 -43.81 -5.24
C GLU A 32 0.59 -43.01 -4.98
N TYR A 33 0.44 -42.49 -3.76
CA TYR A 33 -0.68 -41.64 -3.30
C TYR A 33 -0.12 -40.68 -2.26
N ALA A 34 -0.76 -39.53 -2.02
CA ALA A 34 -0.46 -38.63 -0.90
C ALA A 34 -1.41 -38.97 0.26
N ALA A 35 -0.87 -39.16 1.47
CA ALA A 35 -1.63 -39.57 2.69
C ALA A 35 -1.54 -38.46 3.75
N LYS A 36 -2.66 -37.79 4.03
CA LYS A 36 -2.79 -36.74 5.08
C LYS A 36 -3.21 -37.42 6.38
N ILE A 37 -2.28 -37.54 7.34
CA ILE A 37 -2.49 -38.26 8.63
C ILE A 37 -2.83 -37.23 9.70
N ILE A 38 -3.94 -37.45 10.42
CA ILE A 38 -4.53 -36.49 11.41
C ILE A 38 -4.58 -37.18 12.77
N ASN A 39 -4.61 -36.41 13.85
CA ASN A 39 -4.60 -36.97 15.24
C ASN A 39 -6.02 -36.92 15.86
N THR A 40 -6.82 -37.95 15.58
CA THR A 40 -8.02 -38.37 16.35
C THR A 40 -7.88 -37.99 17.83
N LYS A 41 -6.77 -38.37 18.49
CA LYS A 41 -6.58 -38.28 19.96
C LYS A 41 -6.48 -36.81 20.39
N LYS A 42 -6.02 -35.92 19.50
CA LYS A 42 -5.88 -34.46 19.79
C LYS A 42 -7.17 -33.70 19.45
N LEU A 43 -8.29 -34.43 19.22
CA LEU A 43 -9.53 -33.92 18.56
C LEU A 43 -10.79 -34.49 19.23
N SER A 44 -11.64 -33.59 19.73
CA SER A 44 -13.05 -33.85 20.11
C SER A 44 -13.77 -34.56 18.97
N ALA A 45 -14.84 -35.30 19.25
CA ALA A 45 -15.74 -35.94 18.25
C ALA A 45 -16.44 -34.89 17.40
N ARG A 46 -16.70 -33.67 17.91
CA ARG A 46 -17.28 -32.57 17.09
C ARG A 46 -16.38 -32.32 15.89
N ASP A 47 -15.06 -32.43 16.10
CA ASP A 47 -14.00 -32.18 15.09
C ASP A 47 -13.70 -33.46 14.30
N HIS A 48 -13.94 -34.66 14.86
CA HIS A 48 -13.97 -35.93 14.06
C HIS A 48 -15.00 -35.79 12.94
N GLN A 49 -16.18 -35.27 13.29
CA GLN A 49 -17.32 -35.06 12.37
C GLN A 49 -16.95 -34.01 11.31
N LYS A 50 -16.26 -32.93 11.70
CA LYS A 50 -15.81 -31.81 10.82
C LYS A 50 -14.92 -32.35 9.70
N LEU A 51 -14.15 -33.39 10.02
CA LEU A 51 -13.19 -34.10 9.13
C LEU A 51 -13.95 -35.06 8.21
N GLU A 52 -14.82 -35.91 8.75
CA GLU A 52 -15.64 -36.88 7.96
C GLU A 52 -16.59 -36.11 7.03
N ARG A 53 -16.91 -34.84 7.32
CA ARG A 53 -17.65 -33.95 6.38
C ARG A 53 -16.71 -33.59 5.22
N GLU A 54 -15.46 -33.21 5.48
CA GLU A 54 -14.46 -32.87 4.43
C GLU A 54 -14.35 -34.04 3.46
N ALA A 55 -14.20 -35.26 3.96
CA ALA A 55 -14.04 -36.49 3.13
C ALA A 55 -15.29 -36.75 2.30
N ARG A 56 -16.49 -36.54 2.87
CA ARG A 56 -17.78 -36.81 2.19
C ARG A 56 -17.87 -35.98 0.91
N ILE A 57 -17.48 -34.71 1.01
CA ILE A 57 -17.56 -33.69 -0.07
C ILE A 57 -16.51 -34.00 -1.13
N CYS A 58 -15.27 -34.28 -0.71
CA CYS A 58 -14.12 -34.62 -1.59
C CYS A 58 -14.45 -35.82 -2.46
N ARG A 59 -15.39 -36.69 -2.06
CA ARG A 59 -15.69 -37.94 -2.80
C ARG A 59 -16.93 -37.76 -3.69
N LEU A 60 -17.54 -36.57 -3.74
CA LEU A 60 -18.55 -36.22 -4.76
C LEU A 60 -17.81 -35.70 -6.01
N LEU A 61 -16.50 -35.44 -5.89
CA LEU A 61 -15.77 -34.58 -6.85
C LEU A 61 -14.71 -35.41 -7.60
N LYS A 62 -15.12 -36.04 -8.69
CA LYS A 62 -14.18 -36.64 -9.68
C LYS A 62 -14.03 -35.60 -10.78
N HIS A 63 -12.82 -35.06 -10.95
CA HIS A 63 -12.49 -34.02 -11.96
C HIS A 63 -10.99 -33.94 -12.19
N PRO A 64 -10.51 -33.74 -13.44
CA PRO A 64 -9.07 -33.67 -13.71
C PRO A 64 -8.34 -32.55 -12.93
N ASN A 65 -9.03 -31.46 -12.58
CA ASN A 65 -8.46 -30.31 -11.84
C ASN A 65 -9.03 -30.23 -10.40
N ILE A 66 -9.18 -31.38 -9.73
CA ILE A 66 -9.56 -31.48 -8.28
C ILE A 66 -8.88 -32.71 -7.69
N VAL A 67 -8.00 -32.50 -6.72
CA VAL A 67 -7.28 -33.58 -6.02
C VAL A 67 -8.34 -34.59 -5.56
N ARG A 68 -8.43 -35.74 -6.22
CA ARG A 68 -9.44 -36.77 -5.93
C ARG A 68 -9.05 -37.51 -4.65
N LEU A 69 -10.02 -37.81 -3.78
CA LEU A 69 -9.89 -38.65 -2.57
C LEU A 69 -10.22 -40.12 -2.91
N HIS A 70 -9.26 -41.03 -2.73
CA HIS A 70 -9.36 -42.46 -3.14
C HIS A 70 -9.87 -43.33 -2.00
N ASP A 71 -9.65 -42.90 -0.76
CA ASP A 71 -10.06 -43.67 0.44
C ASP A 71 -9.95 -42.73 1.64
N SER A 72 -10.60 -43.09 2.75
CA SER A 72 -10.70 -42.32 4.01
C SER A 72 -10.92 -43.35 5.12
N ILE A 73 -10.05 -43.41 6.12
CA ILE A 73 -9.91 -44.57 7.06
C ILE A 73 -9.76 -44.05 8.49
N SER A 74 -10.53 -44.62 9.44
CA SER A 74 -10.42 -44.38 10.91
C SER A 74 -9.72 -45.56 11.60
N GLU A 75 -8.49 -45.36 12.05
CA GLU A 75 -7.75 -46.30 12.93
C GLU A 75 -7.79 -45.76 14.38
N GLU A 76 -7.24 -46.50 15.35
CA GLU A 76 -7.15 -46.07 16.77
C GLU A 76 -6.18 -44.89 16.86
N GLY A 77 -6.71 -43.67 17.04
CA GLY A 77 -5.93 -42.46 17.35
C GLY A 77 -5.40 -41.72 16.11
N HIS A 78 -5.65 -42.25 14.91
CA HIS A 78 -5.24 -41.63 13.62
C HIS A 78 -6.36 -41.73 12.59
N HIS A 79 -6.42 -40.76 11.68
CA HIS A 79 -7.30 -40.78 10.47
C HIS A 79 -6.46 -40.52 9.24
N TYR A 80 -6.73 -41.27 8.17
CA TYR A 80 -5.94 -41.29 6.91
C TYR A 80 -6.84 -40.89 5.74
N LEU A 81 -6.53 -39.77 5.10
CA LEU A 81 -7.15 -39.32 3.83
C LEU A 81 -6.14 -39.56 2.71
N ILE A 82 -6.48 -40.45 1.77
CA ILE A 82 -5.62 -40.87 0.63
C ILE A 82 -6.01 -40.04 -0.58
N PHE A 83 -5.21 -39.02 -0.90
CA PHE A 83 -5.37 -38.12 -2.08
C PHE A 83 -4.48 -38.60 -3.24
N ASP A 84 -4.82 -38.18 -4.46
CA ASP A 84 -3.88 -38.18 -5.62
C ASP A 84 -2.56 -37.54 -5.18
N LEU A 85 -1.42 -38.13 -5.51
CA LEU A 85 -0.10 -37.49 -5.26
C LEU A 85 0.08 -36.35 -6.26
N VAL A 86 0.49 -35.17 -5.81
CA VAL A 86 0.82 -33.99 -6.68
C VAL A 86 2.17 -33.45 -6.22
N THR A 87 3.20 -33.55 -7.06
CA THR A 87 4.61 -33.40 -6.66
C THR A 87 5.14 -32.00 -6.94
N GLY A 88 4.36 -31.11 -7.57
CA GLY A 88 4.85 -29.82 -8.11
C GLY A 88 4.67 -28.66 -7.15
N GLY A 89 4.27 -28.94 -5.90
CA GLY A 89 4.10 -27.93 -4.83
C GLY A 89 2.96 -26.96 -5.10
N GLU A 90 2.73 -26.02 -4.18
CA GLU A 90 1.61 -25.05 -4.23
C GLU A 90 1.81 -24.11 -5.43
N LEU A 91 0.70 -23.60 -5.98
CA LEU A 91 0.69 -22.54 -7.02
C LEU A 91 1.35 -21.30 -6.44
N PHE A 92 1.02 -20.96 -5.19
CA PHE A 92 1.61 -19.81 -4.47
C PHE A 92 3.12 -19.83 -4.66
N GLU A 93 3.76 -20.92 -4.22
CA GLU A 93 5.24 -21.07 -4.25
C GLU A 93 5.78 -20.77 -5.66
N ASP A 94 5.17 -21.35 -6.69
CA ASP A 94 5.62 -21.23 -8.10
C ASP A 94 5.39 -19.79 -8.60
N ILE A 95 4.38 -19.08 -8.09
CA ILE A 95 4.14 -17.66 -8.50
C ILE A 95 5.27 -16.80 -7.93
N VAL A 96 5.51 -16.90 -6.62
CA VAL A 96 6.66 -16.24 -5.94
C VAL A 96 7.91 -16.50 -6.78
N ALA A 97 8.22 -17.77 -7.06
CA ALA A 97 9.43 -18.22 -7.80
C ALA A 97 9.55 -17.52 -9.16
N ARG A 98 8.44 -17.34 -9.86
CA ARG A 98 8.46 -16.82 -11.26
C ARG A 98 8.10 -15.34 -11.26
N GLU A 99 7.94 -14.73 -10.08
CA GLU A 99 7.57 -13.30 -9.89
C GLU A 99 6.12 -13.08 -10.36
N TYR A 100 5.84 -13.34 -11.64
CA TYR A 100 4.47 -13.29 -12.23
C TYR A 100 4.39 -14.28 -13.39
N TYR A 101 3.18 -14.57 -13.90
CA TYR A 101 2.93 -15.42 -15.08
C TYR A 101 2.72 -14.54 -16.31
N SER A 102 3.07 -15.08 -17.49
CA SER A 102 2.66 -14.57 -18.82
C SER A 102 1.15 -14.75 -18.97
N GLU A 103 0.50 -13.85 -19.69
CA GLU A 103 -0.95 -13.95 -19.97
C GLU A 103 -1.29 -15.37 -20.44
N ALA A 104 -0.45 -15.95 -21.30
CA ALA A 104 -0.65 -17.25 -21.96
C ALA A 104 -0.68 -18.38 -20.91
N ASP A 105 0.24 -18.32 -19.94
CA ASP A 105 0.36 -19.29 -18.82
C ASP A 105 -0.76 -19.06 -17.81
N ALA A 106 -0.99 -17.79 -17.46
CA ALA A 106 -2.04 -17.33 -16.51
C ALA A 106 -3.42 -17.77 -17.01
N SER A 107 -3.69 -17.59 -18.31
CA SER A 107 -4.94 -18.05 -18.94
C SER A 107 -5.03 -19.57 -18.80
N HIS A 108 -4.03 -20.33 -19.27
CA HIS A 108 -4.05 -21.81 -19.18
C HIS A 108 -4.31 -22.24 -17.73
N CYS A 109 -3.78 -21.51 -16.75
CA CYS A 109 -3.92 -21.84 -15.30
C CYS A 109 -5.32 -21.50 -14.79
N ILE A 110 -5.75 -20.25 -14.92
CA ILE A 110 -7.09 -19.81 -14.41
C ILE A 110 -8.18 -20.66 -15.08
N GLN A 111 -8.03 -21.00 -16.36
CA GLN A 111 -9.00 -21.83 -17.13
C GLN A 111 -9.26 -23.14 -16.36
N GLN A 112 -8.19 -23.82 -15.98
CA GLN A 112 -8.24 -25.11 -15.25
C GLN A 112 -8.94 -24.89 -13.91
N ILE A 113 -8.66 -23.76 -13.25
CA ILE A 113 -9.24 -23.45 -11.92
C ILE A 113 -10.75 -23.25 -12.09
N LEU A 114 -11.15 -22.38 -13.02
CA LEU A 114 -12.57 -22.11 -13.38
C LEU A 114 -13.32 -23.43 -13.65
N GLU A 115 -12.69 -24.33 -14.42
CA GLU A 115 -13.25 -25.67 -14.72
C GLU A 115 -13.59 -26.36 -13.39
N ALA A 116 -12.61 -26.42 -12.49
CA ALA A 116 -12.75 -27.05 -11.15
C ALA A 116 -13.88 -26.37 -10.39
N VAL A 117 -13.90 -25.04 -10.37
CA VAL A 117 -14.92 -24.26 -9.62
C VAL A 117 -16.28 -24.61 -10.17
N LEU A 118 -16.40 -24.64 -11.50
CA LEU A 118 -17.69 -24.91 -12.20
C LEU A 118 -18.22 -26.25 -11.71
N HIS A 119 -17.41 -27.30 -11.80
CA HIS A 119 -17.77 -28.69 -11.36
C HIS A 119 -18.22 -28.66 -9.89
N CYS A 120 -17.45 -28.03 -9.00
CA CYS A 120 -17.87 -27.82 -7.59
C CYS A 120 -19.30 -27.28 -7.60
N HIS A 121 -19.52 -26.14 -8.25
CA HIS A 121 -20.80 -25.40 -8.22
C HIS A 121 -21.94 -26.26 -8.77
N GLN A 122 -21.73 -26.96 -9.88
CA GLN A 122 -22.80 -27.79 -10.49
C GLN A 122 -23.04 -29.03 -9.61
N MET A 123 -22.11 -29.39 -8.72
CA MET A 123 -22.29 -30.52 -7.76
C MET A 123 -22.85 -29.98 -6.43
N GLY A 124 -23.24 -28.71 -6.39
CA GLY A 124 -23.84 -28.06 -5.21
C GLY A 124 -22.86 -27.83 -4.08
N VAL A 125 -21.60 -27.47 -4.40
CA VAL A 125 -20.48 -27.29 -3.43
C VAL A 125 -19.80 -25.94 -3.71
N VAL A 126 -19.65 -25.12 -2.67
CA VAL A 126 -18.92 -23.81 -2.69
C VAL A 126 -17.70 -23.98 -1.78
N HIS A 127 -16.52 -23.64 -2.29
CA HIS A 127 -15.20 -23.92 -1.65
C HIS A 127 -14.99 -22.97 -0.47
N ARG A 128 -15.33 -21.69 -0.70
CA ARG A 128 -15.29 -20.58 0.28
C ARG A 128 -13.85 -20.24 0.68
N ASN A 129 -12.84 -20.89 0.08
CA ASN A 129 -11.43 -20.68 0.51
C ASN A 129 -10.46 -20.90 -0.65
N LEU A 130 -10.82 -20.40 -1.83
CA LEU A 130 -9.92 -20.40 -3.01
C LEU A 130 -8.77 -19.42 -2.76
N LYS A 131 -7.54 -19.89 -2.96
CA LYS A 131 -6.28 -19.11 -2.91
C LYS A 131 -5.17 -19.98 -3.50
N PRO A 132 -4.06 -19.39 -4.01
CA PRO A 132 -3.00 -20.19 -4.62
C PRO A 132 -2.35 -21.21 -3.67
N GLU A 133 -2.49 -21.03 -2.35
CA GLU A 133 -1.99 -21.97 -1.32
C GLU A 133 -2.76 -23.30 -1.41
N ASN A 134 -4.01 -23.27 -1.87
CA ASN A 134 -4.91 -24.45 -1.94
C ASN A 134 -5.01 -24.95 -3.38
N LEU A 135 -4.02 -24.67 -4.22
CA LEU A 135 -3.92 -25.23 -5.58
C LEU A 135 -2.55 -25.88 -5.74
N LEU A 136 -2.52 -27.18 -5.97
CA LEU A 136 -1.28 -27.95 -6.17
C LEU A 136 -1.01 -28.11 -7.67
N LEU A 137 0.25 -27.97 -8.07
CA LEU A 137 0.75 -28.13 -9.46
C LEU A 137 1.21 -29.57 -9.70
N ALA A 138 0.78 -30.16 -10.82
CA ALA A 138 1.14 -31.54 -11.26
C ALA A 138 2.66 -31.66 -11.34
N SER A 139 3.34 -30.63 -11.83
CA SER A 139 4.83 -30.48 -11.88
C SER A 139 5.20 -29.00 -11.81
N LYS A 140 6.50 -28.71 -11.78
CA LYS A 140 7.03 -27.35 -11.61
C LYS A 140 7.34 -26.75 -13.00
N LEU A 141 6.92 -27.44 -14.07
CA LEU A 141 7.05 -27.02 -15.49
C LEU A 141 6.07 -25.88 -15.79
N LYS A 142 6.20 -25.24 -16.96
CA LYS A 142 5.73 -23.85 -17.22
C LYS A 142 4.21 -23.83 -17.50
N GLY A 143 3.63 -24.87 -18.12
CA GLY A 143 2.19 -24.91 -18.42
C GLY A 143 1.44 -26.02 -17.68
N ALA A 144 1.83 -26.31 -16.43
CA ALA A 144 1.48 -27.55 -15.69
C ALA A 144 0.00 -27.58 -15.30
N ALA A 145 -0.52 -28.80 -15.07
CA ALA A 145 -1.92 -29.07 -14.68
C ALA A 145 -2.02 -28.66 -13.23
N VAL A 146 -3.13 -28.04 -12.84
CA VAL A 146 -3.34 -27.49 -11.47
C VAL A 146 -4.62 -28.12 -10.93
N LYS A 147 -4.51 -28.90 -9.86
CA LYS A 147 -5.66 -29.52 -9.19
C LYS A 147 -5.91 -28.77 -7.89
N LEU A 148 -7.18 -28.67 -7.49
CA LEU A 148 -7.73 -27.87 -6.36
C LEU A 148 -7.81 -28.74 -5.08
N ALA A 149 -7.52 -28.17 -3.90
CA ALA A 149 -7.42 -28.93 -2.63
C ALA A 149 -8.10 -28.21 -1.46
N ASP A 150 -8.05 -28.85 -0.27
CA ASP A 150 -8.68 -28.44 1.02
C ASP A 150 -10.11 -27.97 0.78
N PHE A 151 -11.08 -28.84 1.08
CA PHE A 151 -12.53 -28.52 1.18
C PHE A 151 -12.93 -28.51 2.66
N GLY A 152 -11.95 -28.27 3.53
CA GLY A 152 -12.13 -28.14 4.99
C GLY A 152 -13.20 -27.12 5.32
N LEU A 153 -13.42 -26.12 4.46
CA LEU A 153 -14.42 -25.03 4.68
C LEU A 153 -15.54 -25.09 3.64
N ALA A 154 -15.51 -26.07 2.74
CA ALA A 154 -16.51 -26.21 1.65
C ALA A 154 -17.89 -26.46 2.25
N ILE A 155 -18.94 -25.98 1.59
CA ILE A 155 -20.36 -26.02 2.08
C ILE A 155 -21.25 -26.62 0.99
N GLU A 156 -22.47 -27.01 1.34
CA GLU A 156 -23.46 -27.54 0.37
C GLU A 156 -24.57 -26.50 0.23
N VAL A 157 -24.81 -26.02 -1.00
CA VAL A 157 -26.00 -25.19 -1.35
C VAL A 157 -27.06 -26.08 -2.01
N GLU A 158 -28.32 -25.76 -1.78
CA GLU A 158 -29.48 -26.25 -2.57
C GLU A 158 -29.68 -25.25 -3.71
N GLY A 159 -29.38 -25.66 -4.95
CA GLY A 159 -29.54 -24.82 -6.16
C GLY A 159 -28.90 -23.46 -5.97
N GLU A 160 -29.50 -22.40 -6.54
CA GLU A 160 -28.96 -21.02 -6.46
C GLU A 160 -29.42 -20.35 -5.14
N GLN A 161 -29.98 -21.12 -4.20
CA GLN A 161 -30.47 -20.54 -2.92
C GLN A 161 -29.25 -20.00 -2.16
N GLN A 162 -29.22 -18.67 -1.96
CA GLN A 162 -28.22 -17.95 -1.11
C GLN A 162 -28.64 -18.08 0.36
N ALA A 163 -27.69 -18.02 1.29
CA ALA A 163 -27.94 -18.11 2.75
C ALA A 163 -26.69 -17.69 3.52
N TRP A 164 -26.85 -17.30 4.78
CA TRP A 164 -25.70 -16.96 5.66
C TRP A 164 -25.10 -18.26 6.19
N PHE A 165 -23.98 -18.68 5.59
CA PHE A 165 -23.27 -19.95 5.90
C PHE A 165 -22.11 -19.69 6.86
N GLY A 166 -22.11 -18.52 7.51
CA GLY A 166 -21.09 -18.14 8.51
C GLY A 166 -19.95 -17.36 7.88
N PHE A 167 -19.12 -16.76 8.72
CA PHE A 167 -17.96 -15.91 8.35
C PHE A 167 -16.73 -16.82 8.33
N ALA A 168 -16.31 -17.22 7.13
CA ALA A 168 -15.17 -18.15 6.93
C ALA A 168 -14.46 -17.86 5.61
N GLY A 169 -13.19 -18.26 5.55
CA GLY A 169 -12.32 -18.06 4.39
C GLY A 169 -10.98 -17.50 4.81
N THR A 170 -10.30 -16.83 3.88
CA THR A 170 -8.98 -16.18 4.10
C THR A 170 -9.12 -14.70 3.77
N PRO A 171 -8.66 -13.79 4.67
CA PRO A 171 -8.97 -12.36 4.57
C PRO A 171 -8.68 -11.71 3.20
N GLY A 172 -7.56 -12.07 2.55
CA GLY A 172 -7.19 -11.56 1.21
C GLY A 172 -8.28 -11.80 0.18
N TYR A 173 -8.97 -12.94 0.28
CA TYR A 173 -9.79 -13.53 -0.81
C TYR A 173 -11.27 -13.55 -0.43
N LEU A 174 -11.65 -12.91 0.68
CA LEU A 174 -13.06 -12.84 1.14
C LEU A 174 -13.86 -11.94 0.18
N SER A 175 -15.13 -12.30 -0.02
CA SER A 175 -16.11 -11.57 -0.86
C SER A 175 -16.62 -10.39 -0.07
N PRO A 176 -16.95 -9.28 -0.74
CA PRO A 176 -17.76 -8.22 -0.11
C PRO A 176 -18.95 -8.80 0.67
N GLU A 177 -19.76 -9.65 0.03
CA GLU A 177 -21.05 -10.15 0.59
C GLU A 177 -20.79 -10.87 1.93
N VAL A 178 -19.60 -11.40 2.15
CA VAL A 178 -19.26 -12.19 3.37
C VAL A 178 -18.84 -11.24 4.50
N LEU A 179 -18.04 -10.22 4.17
CA LEU A 179 -17.59 -9.18 5.14
C LEU A 179 -18.78 -8.35 5.61
N ARG A 180 -19.70 -8.07 4.69
CA ARG A 180 -20.95 -7.29 4.91
C ARG A 180 -21.97 -8.14 5.70
N LYS A 181 -21.61 -9.38 6.05
CA LYS A 181 -22.43 -10.40 6.77
C LYS A 181 -23.83 -10.50 6.12
N ASP A 182 -23.87 -10.42 4.79
CA ASP A 182 -25.04 -10.71 3.93
C ASP A 182 -25.04 -12.19 3.57
N PRO A 183 -26.20 -12.79 3.21
CA PRO A 183 -26.23 -14.15 2.67
C PRO A 183 -25.49 -14.23 1.33
N TYR A 184 -24.95 -15.40 0.99
CA TYR A 184 -24.09 -15.63 -0.20
C TYR A 184 -24.21 -17.06 -0.75
N GLY A 185 -23.45 -17.35 -1.80
CA GLY A 185 -23.42 -18.69 -2.42
C GLY A 185 -22.24 -18.84 -3.36
N LYS A 186 -22.49 -19.36 -4.56
CA LYS A 186 -21.42 -19.70 -5.55
C LYS A 186 -20.59 -18.47 -5.88
N PRO A 187 -21.17 -17.25 -6.07
CA PRO A 187 -20.37 -16.10 -6.49
C PRO A 187 -19.16 -15.82 -5.59
N VAL A 188 -19.19 -16.18 -4.32
CA VAL A 188 -18.05 -15.93 -3.39
C VAL A 188 -16.78 -16.55 -3.97
N ASP A 189 -16.89 -17.71 -4.62
CA ASP A 189 -15.73 -18.44 -5.20
C ASP A 189 -15.24 -17.69 -6.44
N LEU A 190 -16.14 -17.11 -7.24
CA LEU A 190 -15.78 -16.33 -8.46
C LEU A 190 -15.06 -15.05 -8.04
N TRP A 191 -15.42 -14.45 -6.89
CA TRP A 191 -14.68 -13.28 -6.35
C TRP A 191 -13.24 -13.71 -6.10
N ALA A 192 -13.04 -14.81 -5.37
CA ALA A 192 -11.69 -15.36 -5.10
C ALA A 192 -10.94 -15.55 -6.43
N CYS A 193 -11.59 -16.14 -7.44
CA CYS A 193 -10.97 -16.38 -8.78
C CYS A 193 -10.49 -15.06 -9.37
N GLY A 194 -11.23 -13.97 -9.14
CA GLY A 194 -10.80 -12.60 -9.46
C GLY A 194 -9.44 -12.29 -8.85
N VAL A 195 -9.36 -12.41 -7.53
CA VAL A 195 -8.10 -12.20 -6.74
C VAL A 195 -6.99 -13.04 -7.37
N ILE A 196 -7.24 -14.34 -7.53
CA ILE A 196 -6.19 -15.33 -7.92
C ILE A 196 -5.63 -14.96 -9.30
N LEU A 197 -6.50 -14.56 -10.24
CA LEU A 197 -6.08 -14.19 -11.62
C LEU A 197 -5.15 -12.98 -11.57
N TYR A 198 -5.53 -11.96 -10.79
CA TYR A 198 -4.78 -10.70 -10.59
C TYR A 198 -3.36 -11.06 -10.14
N ILE A 199 -3.26 -11.81 -9.04
CA ILE A 199 -1.99 -12.32 -8.46
C ILE A 199 -1.20 -12.97 -9.59
N LEU A 200 -1.85 -13.89 -10.29
CA LEU A 200 -1.28 -14.71 -11.39
C LEU A 200 -0.55 -13.77 -12.38
N LEU A 201 -1.08 -12.58 -12.64
CA LEU A 201 -0.58 -11.71 -13.75
C LEU A 201 0.62 -10.85 -13.33
N VAL A 202 0.63 -10.29 -12.11
CA VAL A 202 1.62 -9.23 -11.70
C VAL A 202 2.35 -9.57 -10.39
N GLY A 203 1.91 -10.56 -9.62
CA GLY A 203 2.70 -11.17 -8.52
C GLY A 203 2.35 -10.61 -7.16
N TYR A 204 1.26 -9.84 -7.06
CA TYR A 204 0.73 -9.24 -5.80
C TYR A 204 -0.79 -9.17 -5.88
N PRO A 205 -1.52 -9.09 -4.74
CA PRO A 205 -2.98 -9.13 -4.73
C PRO A 205 -3.62 -7.76 -4.91
N PRO A 206 -4.85 -7.70 -5.47
CA PRO A 206 -5.52 -6.44 -5.78
C PRO A 206 -5.93 -5.63 -4.56
N PHE A 207 -5.97 -6.31 -3.41
CA PHE A 207 -6.33 -5.75 -2.08
C PHE A 207 -5.26 -6.19 -1.08
N TRP A 208 -4.62 -5.26 -0.38
CA TRP A 208 -3.71 -5.59 0.74
C TRP A 208 -3.56 -4.42 1.72
N ASP A 209 -3.40 -4.76 3.01
CA ASP A 209 -2.98 -3.86 4.11
C ASP A 209 -2.66 -4.72 5.35
N GLU A 210 -1.59 -4.38 6.07
CA GLU A 210 -1.12 -5.10 7.27
C GLU A 210 -2.20 -5.04 8.35
N ASP A 211 -2.82 -3.87 8.53
CA ASP A 211 -4.01 -3.69 9.40
C ASP A 211 -5.22 -4.26 8.65
N GLN A 212 -5.85 -5.25 9.25
CA GLN A 212 -6.95 -6.07 8.65
C GLN A 212 -8.18 -5.17 8.44
N HIS A 213 -8.48 -4.24 9.37
CA HIS A 213 -9.71 -3.40 9.27
C HIS A 213 -9.70 -2.62 7.95
N ARG A 214 -8.52 -2.21 7.47
CA ARG A 214 -8.35 -1.39 6.23
C ARG A 214 -8.52 -2.33 5.03
N LEU A 215 -7.81 -3.46 5.07
CA LEU A 215 -7.89 -4.55 4.06
C LEU A 215 -9.37 -4.83 3.74
N TYR A 216 -10.21 -4.88 4.78
CA TYR A 216 -11.67 -5.17 4.64
C TYR A 216 -12.35 -3.95 4.03
N LYS A 217 -12.04 -2.73 4.48
CA LYS A 217 -12.65 -1.48 3.93
C LYS A 217 -12.35 -1.43 2.43
N GLN A 218 -11.13 -1.84 2.04
CA GLN A 218 -10.64 -1.95 0.63
C GLN A 218 -11.60 -2.84 -0.16
N ILE A 219 -11.72 -4.11 0.23
CA ILE A 219 -12.54 -5.16 -0.46
C ILE A 219 -13.95 -4.63 -0.65
N LYS A 220 -14.63 -4.25 0.44
CA LYS A 220 -16.05 -3.83 0.43
C LYS A 220 -16.29 -2.76 -0.63
N ALA A 221 -15.33 -1.86 -0.84
CA ALA A 221 -15.45 -0.68 -1.71
C ALA A 221 -14.94 -0.96 -3.14
N GLY A 222 -14.60 -2.23 -3.43
CA GLY A 222 -14.06 -2.67 -4.73
C GLY A 222 -12.84 -1.88 -5.13
N ALA A 223 -11.92 -1.66 -4.18
CA ALA A 223 -10.79 -0.71 -4.27
C ALA A 223 -9.54 -1.42 -4.79
N TYR A 224 -9.56 -1.81 -6.07
CA TYR A 224 -8.41 -2.32 -6.87
C TYR A 224 -8.19 -1.37 -8.05
N ASP A 225 -7.01 -1.41 -8.66
CA ASP A 225 -6.73 -0.74 -9.95
C ASP A 225 -5.61 -1.51 -10.65
N PHE A 226 -5.07 -0.97 -11.74
CA PHE A 226 -3.99 -1.60 -12.55
C PHE A 226 -2.81 -0.64 -12.62
N PRO A 227 -1.95 -0.61 -11.57
CA PRO A 227 -0.78 0.27 -11.54
C PRO A 227 0.22 0.16 -12.70
N SER A 228 1.00 1.23 -12.93
CA SER A 228 2.13 1.32 -13.89
C SER A 228 3.45 1.11 -13.14
N PRO A 229 4.53 0.60 -13.77
CA PRO A 229 4.56 0.30 -15.20
C PRO A 229 3.89 -1.02 -15.66
N GLU A 230 3.71 -1.95 -14.72
CA GLU A 230 3.64 -3.41 -15.01
C GLU A 230 2.31 -3.78 -15.69
N TRP A 231 1.22 -3.08 -15.39
CA TRP A 231 -0.15 -3.39 -15.91
C TRP A 231 -0.39 -2.72 -17.27
N ASP A 232 0.49 -1.81 -17.70
CA ASP A 232 0.32 -1.01 -18.94
C ASP A 232 0.43 -1.91 -20.16
N THR A 233 1.24 -2.96 -20.06
CA THR A 233 1.57 -3.92 -21.15
C THR A 233 0.45 -4.97 -21.25
N VAL A 234 -0.27 -5.23 -20.16
CA VAL A 234 -1.26 -6.34 -20.01
C VAL A 234 -2.50 -6.00 -20.85
N THR A 235 -2.97 -6.95 -21.67
CA THR A 235 -4.12 -6.78 -22.61
C THR A 235 -5.31 -6.24 -21.83
N PRO A 236 -6.19 -5.45 -22.48
CA PRO A 236 -7.42 -5.00 -21.84
C PRO A 236 -8.42 -6.14 -21.60
N GLU A 237 -8.34 -7.22 -22.39
CA GLU A 237 -9.23 -8.40 -22.25
C GLU A 237 -9.03 -8.99 -20.84
N ALA A 238 -7.77 -9.24 -20.49
CA ALA A 238 -7.36 -9.78 -19.17
C ALA A 238 -7.97 -8.91 -18.08
N LYS A 239 -7.79 -7.60 -18.21
CA LYS A 239 -8.38 -6.62 -17.27
C LYS A 239 -9.90 -6.89 -17.20
N ASP A 240 -10.59 -6.93 -18.34
CA ASP A 240 -12.08 -7.03 -18.40
C ASP A 240 -12.59 -8.18 -17.52
N LEU A 241 -11.95 -9.35 -17.62
CA LEU A 241 -12.35 -10.59 -16.89
C LEU A 241 -12.25 -10.32 -15.39
N ILE A 242 -11.09 -9.81 -14.97
CA ILE A 242 -10.84 -9.41 -13.56
C ILE A 242 -11.93 -8.44 -13.10
N ASN A 243 -12.33 -7.49 -13.94
CA ASN A 243 -13.36 -6.48 -13.59
C ASN A 243 -14.71 -7.18 -13.38
N LYS A 244 -15.00 -8.21 -14.17
CA LYS A 244 -16.28 -8.97 -14.10
C LYS A 244 -16.24 -9.97 -12.95
N MET A 245 -15.05 -10.34 -12.48
CA MET A 245 -14.87 -11.28 -11.34
C MET A 245 -14.93 -10.48 -10.03
N LEU A 246 -14.29 -9.30 -10.00
CA LEU A 246 -14.28 -8.36 -8.84
C LEU A 246 -15.41 -7.35 -8.99
N THR A 247 -16.49 -7.70 -9.70
CA THR A 247 -17.78 -6.98 -9.62
C THR A 247 -18.28 -7.17 -8.19
N ILE A 248 -18.73 -6.07 -7.58
CA ILE A 248 -18.80 -5.85 -6.11
C ILE A 248 -20.14 -6.39 -5.62
N ASN A 249 -21.18 -6.16 -6.41
CA ASN A 249 -22.51 -6.82 -6.29
C ASN A 249 -22.38 -8.23 -6.86
N PRO A 250 -22.77 -9.28 -6.09
CA PRO A 250 -22.55 -10.67 -6.50
C PRO A 250 -23.46 -11.18 -7.63
N SER A 251 -24.66 -10.60 -7.79
CA SER A 251 -25.64 -11.04 -8.81
C SER A 251 -25.22 -10.56 -10.21
N LYS A 252 -24.45 -9.47 -10.32
CA LYS A 252 -23.94 -8.93 -11.62
C LYS A 252 -22.57 -9.56 -11.91
N ARG A 253 -21.95 -10.20 -10.92
CA ARG A 253 -20.62 -10.86 -11.05
C ARG A 253 -20.74 -12.01 -12.03
N ILE A 254 -19.64 -12.33 -12.71
CA ILE A 254 -19.56 -13.42 -13.73
C ILE A 254 -19.57 -14.78 -13.03
N THR A 255 -20.31 -15.75 -13.57
CA THR A 255 -20.38 -17.13 -13.07
C THR A 255 -19.19 -17.90 -13.63
N ALA A 256 -18.88 -19.08 -13.07
CA ALA A 256 -17.78 -19.95 -13.54
C ALA A 256 -17.98 -20.27 -15.03
N ALA A 257 -19.21 -20.56 -15.43
CA ALA A 257 -19.59 -20.91 -16.81
C ALA A 257 -19.39 -19.70 -17.73
N GLU A 258 -19.95 -18.54 -17.37
CA GLU A 258 -19.78 -17.27 -18.13
C GLU A 258 -18.28 -17.00 -18.34
N ALA A 259 -17.49 -17.13 -17.27
CA ALA A 259 -16.03 -16.90 -17.24
C ALA A 259 -15.33 -17.78 -18.28
N LEU A 260 -15.69 -19.06 -18.37
CA LEU A 260 -15.02 -20.05 -19.26
C LEU A 260 -15.27 -19.70 -20.74
N LYS A 261 -16.27 -18.86 -21.03
CA LYS A 261 -16.68 -18.48 -22.41
C LYS A 261 -16.05 -17.13 -22.77
N HIS A 262 -15.42 -16.45 -21.82
CA HIS A 262 -14.85 -15.10 -22.01
C HIS A 262 -13.76 -15.16 -23.08
N PRO A 263 -13.65 -14.17 -23.99
CA PRO A 263 -12.61 -14.19 -25.01
C PRO A 263 -11.20 -14.56 -24.52
N TRP A 264 -10.77 -14.00 -23.39
CA TRP A 264 -9.39 -14.17 -22.85
C TRP A 264 -9.11 -15.64 -22.52
N ILE A 265 -10.13 -16.48 -22.33
CA ILE A 265 -9.97 -17.94 -22.05
C ILE A 265 -10.16 -18.74 -23.34
N SER A 266 -11.19 -18.44 -24.15
CA SER A 266 -11.56 -19.17 -25.39
C SER A 266 -11.29 -18.29 -26.64
N HIS A 267 -10.06 -18.29 -27.13
CA HIS A 267 -9.60 -17.48 -28.29
C HIS A 267 -9.00 -18.43 -29.33
N ARG A 268 -8.95 -17.99 -30.61
CA ARG A 268 -8.35 -18.72 -31.78
C ARG A 268 -9.47 -19.46 -32.53
N THR B 1 39.52 28.25 -0.32
CA THR B 1 39.22 29.72 -0.28
C THR B 1 39.26 30.21 1.19
N ARG B 2 38.19 30.85 1.68
CA ARG B 2 38.19 31.57 2.98
C ARG B 2 36.91 31.26 3.77
N PHE B 3 36.81 30.04 4.30
CA PHE B 3 35.81 29.66 5.35
C PHE B 3 36.54 29.36 6.65
N THR B 4 37.45 28.37 6.61
CA THR B 4 38.28 27.97 7.77
C THR B 4 39.22 29.14 8.14
N GLU B 5 39.08 30.29 7.45
CA GLU B 5 39.77 31.57 7.78
C GLU B 5 38.94 32.40 8.77
N GLU B 6 37.61 32.43 8.60
CA GLU B 6 36.68 33.38 9.26
C GLU B 6 35.81 32.69 10.32
N TYR B 7 35.47 31.40 10.13
CA TYR B 7 34.54 30.63 11.02
C TYR B 7 35.29 29.52 11.75
N GLN B 8 34.61 28.84 12.68
CA GLN B 8 35.13 27.70 13.49
C GLN B 8 33.96 26.80 13.92
N LEU B 9 34.05 25.50 13.65
CA LEU B 9 32.94 24.52 13.75
C LEU B 9 32.81 24.02 15.20
N PHE B 10 31.58 23.69 15.62
CA PHE B 10 31.27 23.01 16.90
C PHE B 10 30.30 21.85 16.61
N GLU B 11 29.38 21.55 17.52
CA GLU B 11 28.53 20.32 17.50
C GLU B 11 27.73 20.20 16.20
N GLU B 12 27.37 18.96 15.83
CA GLU B 12 26.41 18.62 14.76
C GLU B 12 25.00 19.00 15.23
N LEU B 13 24.15 19.46 14.31
CA LEU B 13 22.74 19.86 14.59
C LEU B 13 21.75 18.92 13.90
N GLY B 14 22.22 18.18 12.89
CA GLY B 14 21.39 17.25 12.11
C GLY B 14 22.11 16.82 10.85
N LYS B 15 22.01 15.53 10.51
CA LYS B 15 22.42 15.00 9.18
C LYS B 15 21.22 15.18 8.25
N GLY B 16 21.50 15.53 6.99
CA GLY B 16 20.55 15.41 5.87
C GLY B 16 20.97 14.27 4.97
N ALA B 17 20.37 14.14 3.79
CA ALA B 17 20.72 13.11 2.78
C ALA B 17 22.23 13.22 2.47
N PHE B 18 22.66 14.26 1.75
CA PHE B 18 24.04 14.45 1.24
C PHE B 18 24.83 15.43 2.11
N SER B 19 24.27 15.85 3.26
CA SER B 19 24.76 17.01 4.06
C SER B 19 25.02 16.65 5.53
N VAL B 20 25.63 17.60 6.24
CA VAL B 20 25.78 17.61 7.72
C VAL B 20 25.72 19.07 8.17
N VAL B 21 24.76 19.42 9.04
CA VAL B 21 24.57 20.80 9.55
C VAL B 21 25.18 20.88 10.95
N ARG B 22 25.97 21.94 11.21
CA ARG B 22 26.80 22.11 12.44
C ARG B 22 26.82 23.58 12.84
N ARG B 23 26.63 23.86 14.13
CA ARG B 23 26.83 25.21 14.75
C ARG B 23 28.26 25.65 14.45
N CYS B 24 28.42 26.83 13.84
CA CYS B 24 29.73 27.47 13.55
C CYS B 24 29.68 28.93 14.03
N VAL B 25 30.84 29.56 14.23
CA VAL B 25 30.94 30.98 14.68
C VAL B 25 31.93 31.72 13.78
N LYS B 26 31.58 32.94 13.35
CA LYS B 26 32.48 33.91 12.65
C LYS B 26 33.36 34.54 13.73
N VAL B 27 34.66 34.23 13.72
CA VAL B 27 35.58 34.40 14.89
C VAL B 27 35.87 35.89 15.14
N LEU B 28 35.80 36.74 14.12
CA LEU B 28 35.97 38.22 14.28
C LEU B 28 34.74 38.75 15.01
N ALA B 29 33.55 38.54 14.42
CA ALA B 29 32.24 39.05 14.85
C ALA B 29 31.80 38.41 16.18
N GLY B 30 32.14 37.13 16.39
CA GLY B 30 31.67 36.33 17.55
C GLY B 30 30.19 35.99 17.40
N GLN B 31 29.78 35.65 16.17
CA GLN B 31 28.36 35.50 15.76
C GLN B 31 28.07 34.02 15.43
N GLU B 32 27.12 33.41 16.17
CA GLU B 32 26.61 32.04 15.93
C GLU B 32 25.92 32.01 14.55
N TYR B 33 26.15 30.95 13.77
CA TYR B 33 25.50 30.68 12.47
C TYR B 33 25.35 29.16 12.33
N ALA B 34 24.37 28.70 11.53
CA ALA B 34 24.24 27.28 11.16
C ALA B 34 24.95 27.06 9.82
N ALA B 35 25.84 26.06 9.75
CA ALA B 35 26.70 25.78 8.58
C ALA B 35 26.36 24.39 8.01
N LYS B 36 25.78 24.36 6.80
CA LYS B 36 25.37 23.12 6.08
C LYS B 36 26.53 22.71 5.18
N ILE B 37 27.25 21.65 5.57
CA ILE B 37 28.53 21.22 4.93
C ILE B 37 28.22 20.05 3.99
N ILE B 38 28.70 20.12 2.74
CA ILE B 38 28.44 19.13 1.64
C ILE B 38 29.79 18.61 1.11
N ASN B 39 29.82 17.42 0.50
CA ASN B 39 31.08 16.75 0.07
C ASN B 39 31.24 16.79 -1.46
N THR B 40 31.77 17.89 -1.97
CA THR B 40 32.43 18.03 -3.30
C THR B 40 33.09 16.69 -3.71
N SER B 44 29.99 14.55 -8.10
CA SER B 44 29.76 14.59 -9.58
C SER B 44 29.83 16.05 -10.06
N ALA B 45 29.12 16.40 -11.15
CA ALA B 45 29.11 17.75 -11.76
C ALA B 45 27.67 18.17 -12.15
N ARG B 46 26.84 17.25 -12.65
CA ARG B 46 25.39 17.53 -12.89
C ARG B 46 24.74 17.94 -11.56
N ASP B 47 25.21 17.38 -10.44
CA ASP B 47 24.73 17.62 -9.05
C ASP B 47 25.47 18.83 -8.44
N HIS B 48 26.69 19.17 -8.89
CA HIS B 48 27.35 20.49 -8.57
C HIS B 48 26.40 21.61 -9.02
N GLN B 49 25.76 21.48 -10.19
CA GLN B 49 24.77 22.46 -10.74
C GLN B 49 23.55 22.57 -9.82
N LYS B 50 23.04 21.42 -9.33
CA LYS B 50 21.84 21.30 -8.43
C LYS B 50 22.09 22.11 -7.14
N LEU B 51 23.34 22.14 -6.69
CA LEU B 51 23.83 22.84 -5.47
C LEU B 51 23.94 24.35 -5.73
N GLU B 52 24.62 24.76 -6.81
CA GLU B 52 24.81 26.19 -7.18
C GLU B 52 23.44 26.83 -7.45
N ARG B 53 22.43 26.03 -7.83
CA ARG B 53 21.02 26.49 -7.95
C ARG B 53 20.45 26.79 -6.56
N GLU B 54 20.65 25.87 -5.60
CA GLU B 54 20.13 26.02 -4.21
C GLU B 54 20.60 27.36 -3.66
N ALA B 55 21.89 27.69 -3.77
CA ALA B 55 22.49 28.90 -3.15
C ALA B 55 21.88 30.16 -3.78
N ARG B 56 21.70 30.14 -5.11
CA ARG B 56 21.21 31.30 -5.89
C ARG B 56 19.85 31.72 -5.35
N ILE B 57 18.97 30.73 -5.13
CA ILE B 57 17.54 30.90 -4.76
C ILE B 57 17.48 31.37 -3.30
N CYS B 58 18.23 30.73 -2.40
CA CYS B 58 18.28 31.05 -0.95
C CYS B 58 18.64 32.52 -0.72
N ARG B 59 19.35 33.15 -1.67
CA ARG B 59 19.86 34.53 -1.48
C ARG B 59 18.94 35.54 -2.19
N LEU B 60 17.83 35.12 -2.82
CA LEU B 60 16.75 36.02 -3.28
C LEU B 60 15.77 36.27 -2.12
N LEU B 61 15.91 35.52 -1.03
CA LEU B 61 14.83 35.39 -0.02
C LEU B 61 15.29 35.96 1.33
N LYS B 62 15.18 37.28 1.48
CA LYS B 62 15.29 37.96 2.80
C LYS B 62 13.86 38.13 3.28
N HIS B 63 13.48 37.45 4.37
CA HIS B 63 12.11 37.46 4.95
C HIS B 63 12.16 37.00 6.41
N PRO B 64 11.35 37.57 7.33
CA PRO B 64 11.37 37.14 8.73
C PRO B 64 11.03 35.65 8.95
N ASN B 65 10.26 35.05 8.04
CA ASN B 65 9.83 33.62 8.10
C ASN B 65 10.51 32.81 6.99
N ILE B 66 11.79 33.06 6.72
CA ILE B 66 12.64 32.24 5.80
C ILE B 66 14.08 32.29 6.29
N VAL B 67 14.63 31.14 6.66
CA VAL B 67 16.06 31.00 7.07
C VAL B 67 16.92 31.74 6.03
N ARG B 68 17.46 32.91 6.38
CA ARG B 68 18.27 33.75 5.45
C ARG B 68 19.67 33.13 5.30
N LEU B 69 20.21 33.16 4.07
CA LEU B 69 21.59 32.72 3.70
C LEU B 69 22.53 33.93 3.76
N HIS B 70 23.58 33.88 4.60
CA HIS B 70 24.55 34.99 4.85
C HIS B 70 25.77 34.90 3.92
N ASP B 71 26.09 33.71 3.42
CA ASP B 71 27.30 33.48 2.58
C ASP B 71 27.21 32.07 1.99
N SER B 72 28.00 31.79 0.94
CA SER B 72 28.07 30.50 0.21
C SER B 72 29.48 30.35 -0.35
N ILE B 73 30.20 29.28 -0.01
CA ILE B 73 31.68 29.20 -0.14
C ILE B 73 32.09 27.83 -0.73
N SER B 74 32.95 27.83 -1.76
CA SER B 74 33.55 26.63 -2.41
C SER B 74 35.01 26.47 -1.99
N GLU B 75 35.31 25.49 -1.13
CA GLU B 75 36.70 25.13 -0.71
C GLU B 75 37.10 23.82 -1.41
N GLU B 76 38.33 23.35 -1.21
CA GLU B 76 38.84 22.06 -1.73
C GLU B 76 38.10 20.92 -1.03
N GLY B 77 37.15 20.28 -1.72
CA GLY B 77 36.50 19.02 -1.26
C GLY B 77 35.27 19.25 -0.40
N HIS B 78 34.93 20.51 -0.09
CA HIS B 78 33.74 20.88 0.71
C HIS B 78 33.05 22.12 0.11
N HIS B 79 31.75 22.25 0.34
CA HIS B 79 30.96 23.51 0.15
C HIS B 79 30.22 23.85 1.44
N TYR B 80 30.18 25.14 1.76
CA TYR B 80 29.63 25.70 3.03
C TYR B 80 28.51 26.70 2.69
N LEU B 81 27.27 26.40 3.11
CA LEU B 81 26.13 27.36 3.10
C LEU B 81 25.90 27.84 4.53
N ILE B 82 26.09 29.14 4.77
CA ILE B 82 25.98 29.79 6.11
C ILE B 82 24.57 30.35 6.26
N PHE B 83 23.72 29.64 7.02
CA PHE B 83 22.32 30.05 7.33
C PHE B 83 22.29 30.73 8.72
N ASP B 84 21.24 31.53 8.95
CA ASP B 84 20.79 31.91 10.32
C ASP B 84 20.73 30.63 11.17
N LEU B 85 21.24 30.68 12.39
CA LEU B 85 21.06 29.59 13.37
C LEU B 85 19.60 29.60 13.87
N VAL B 86 18.95 28.43 13.92
CA VAL B 86 17.58 28.26 14.48
C VAL B 86 17.61 27.10 15.48
N THR B 87 17.43 27.36 16.76
CA THR B 87 17.73 26.40 17.86
C THR B 87 16.47 25.66 18.34
N GLY B 88 15.29 25.98 17.82
CA GLY B 88 14.00 25.55 18.40
C GLY B 88 13.44 24.26 17.80
N GLY B 89 14.20 23.58 16.94
CA GLY B 89 13.80 22.28 16.35
C GLY B 89 12.62 22.39 15.39
N GLU B 90 12.31 21.27 14.71
CA GLU B 90 11.37 21.22 13.55
C GLU B 90 9.95 21.50 14.05
N LEU B 91 9.08 22.03 13.18
CA LEU B 91 7.63 22.17 13.42
C LEU B 91 7.04 20.77 13.64
N PHE B 92 7.42 19.81 12.80
CA PHE B 92 6.99 18.39 12.93
C PHE B 92 7.14 17.96 14.39
N GLU B 93 8.37 18.03 14.92
CA GLU B 93 8.72 17.58 16.29
C GLU B 93 7.78 18.24 17.31
N ASP B 94 7.55 19.56 17.21
CA ASP B 94 6.71 20.33 18.17
C ASP B 94 5.24 19.92 18.01
N ILE B 95 4.78 19.52 16.81
CA ILE B 95 3.38 19.06 16.60
C ILE B 95 3.20 17.72 17.32
N VAL B 96 4.08 16.76 17.04
CA VAL B 96 4.14 15.44 17.74
C VAL B 96 4.06 15.73 19.24
N ALA B 97 4.97 16.56 19.76
CA ALA B 97 5.10 16.87 21.20
C ALA B 97 3.77 17.38 21.79
N ARG B 98 3.03 18.21 21.04
CA ARG B 98 1.81 18.88 21.55
C ARG B 98 0.57 18.17 21.02
N GLU B 99 0.75 17.03 20.33
CA GLU B 99 -0.33 16.19 19.75
C GLU B 99 -1.03 16.95 18.61
N TYR B 100 -1.61 18.12 18.88
CA TYR B 100 -2.27 19.00 17.89
C TYR B 100 -2.13 20.45 18.38
N TYR B 101 -2.42 21.43 17.51
CA TYR B 101 -2.46 22.89 17.84
C TYR B 101 -3.92 23.32 18.04
N SER B 102 -4.12 24.33 18.90
CA SER B 102 -5.37 25.13 18.99
C SER B 102 -5.55 25.92 17.70
N GLU B 103 -6.79 26.15 17.27
CA GLU B 103 -7.09 26.99 16.07
C GLU B 103 -6.28 28.29 16.12
N ALA B 104 -6.19 28.91 17.29
CA ALA B 104 -5.53 30.23 17.52
C ALA B 104 -4.02 30.14 17.24
N ASP B 105 -3.37 29.06 17.68
CA ASP B 105 -1.92 28.79 17.47
C ASP B 105 -1.69 28.36 16.02
N ALA B 106 -2.55 27.46 15.51
CA ALA B 106 -2.52 26.93 14.13
C ALA B 106 -2.66 28.08 13.13
N SER B 107 -3.59 29.00 13.38
CA SER B 107 -3.76 30.22 12.55
C SER B 107 -2.45 31.04 12.58
N HIS B 108 -1.97 31.41 13.77
CA HIS B 108 -0.71 32.21 13.91
C HIS B 108 0.43 31.50 13.16
N CYS B 109 0.45 30.15 13.15
CA CYS B 109 1.51 29.32 12.53
C CYS B 109 1.34 29.31 11.00
N ILE B 110 0.20 28.87 10.48
CA ILE B 110 -0.04 28.78 9.01
C ILE B 110 0.16 30.17 8.40
N GLN B 111 -0.28 31.23 9.09
CA GLN B 111 -0.14 32.64 8.63
C GLN B 111 1.31 32.93 8.30
N GLN B 112 2.22 32.64 9.24
CA GLN B 112 3.69 32.83 9.09
C GLN B 112 4.18 32.07 7.85
N ILE B 113 3.69 30.84 7.67
CA ILE B 113 4.12 29.95 6.56
C ILE B 113 3.65 30.57 5.25
N LEU B 114 2.36 30.88 5.15
CA LEU B 114 1.73 31.52 3.96
C LEU B 114 2.50 32.79 3.61
N GLU B 115 2.88 33.61 4.60
CA GLU B 115 3.69 34.84 4.39
C GLU B 115 4.96 34.45 3.63
N ALA B 116 5.68 33.46 4.15
CA ALA B 116 6.93 32.93 3.56
C ALA B 116 6.65 32.45 2.13
N VAL B 117 5.60 31.67 1.95
CA VAL B 117 5.22 31.09 0.63
C VAL B 117 4.97 32.26 -0.33
N LEU B 118 4.22 33.27 0.13
CA LEU B 118 3.82 34.43 -0.71
C LEU B 118 5.09 35.08 -1.25
N HIS B 119 6.01 35.44 -0.34
CA HIS B 119 7.30 36.09 -0.68
C HIS B 119 8.07 35.22 -1.68
N CYS B 120 8.20 33.91 -1.43
CA CYS B 120 8.79 32.94 -2.40
C CYS B 120 8.14 33.18 -3.76
N HIS B 121 6.82 33.09 -3.84
CA HIS B 121 6.06 33.13 -5.12
C HIS B 121 6.29 34.46 -5.82
N GLN B 122 6.21 35.58 -5.10
CA GLN B 122 6.37 36.91 -5.74
C GLN B 122 7.85 37.13 -6.09
N MET B 123 8.77 36.33 -5.54
CA MET B 123 10.22 36.38 -5.92
C MET B 123 10.51 35.34 -7.00
N GLY B 124 9.47 34.75 -7.60
CA GLY B 124 9.58 33.78 -8.72
C GLY B 124 10.19 32.45 -8.30
N VAL B 125 9.86 31.95 -7.10
CA VAL B 125 10.41 30.70 -6.51
C VAL B 125 9.25 29.85 -5.99
N VAL B 126 9.21 28.56 -6.37
CA VAL B 126 8.28 27.52 -5.85
C VAL B 126 9.12 26.49 -5.08
N HIS B 127 8.73 26.17 -3.85
CA HIS B 127 9.51 25.32 -2.91
C HIS B 127 9.42 23.85 -3.31
N ARG B 128 8.22 23.40 -3.69
CA ARG B 128 7.88 22.03 -4.19
C ARG B 128 8.03 21.00 -3.08
N ASN B 129 8.35 21.39 -1.84
CA ASN B 129 8.64 20.39 -0.77
C ASN B 129 8.31 20.98 0.60
N LEU B 130 7.18 21.68 0.69
CA LEU B 130 6.62 22.15 1.98
C LEU B 130 6.14 20.94 2.79
N LYS B 131 6.58 20.88 4.05
CA LYS B 131 6.15 19.91 5.07
C LYS B 131 6.69 20.41 6.42
N PRO B 132 6.08 20.01 7.56
CA PRO B 132 6.53 20.50 8.86
C PRO B 132 7.99 20.16 9.19
N GLU B 133 8.58 19.17 8.52
CA GLU B 133 10.00 18.75 8.70
C GLU B 133 10.93 19.89 8.19
N ASN B 134 10.45 20.68 7.23
CA ASN B 134 11.23 21.77 6.58
C ASN B 134 10.83 23.13 7.12
N LEU B 135 10.27 23.17 8.33
CA LEU B 135 9.97 24.44 9.03
C LEU B 135 10.63 24.40 10.41
N LEU B 136 11.58 25.29 10.67
CA LEU B 136 12.36 25.36 11.93
C LEU B 136 11.76 26.45 12.82
N LEU B 137 11.73 26.24 14.14
CA LEU B 137 11.21 27.21 15.15
C LEU B 137 12.39 28.01 15.71
N ALA B 138 12.26 29.34 15.80
CA ALA B 138 13.28 30.26 16.36
C ALA B 138 13.69 29.81 17.78
N SER B 139 12.73 29.36 18.61
CA SER B 139 12.96 28.90 20.01
C SER B 139 12.15 27.64 20.32
N GLY B 143 7.09 30.44 22.88
CA GLY B 143 7.87 31.57 22.30
C GLY B 143 7.42 31.93 20.89
N ALA B 144 7.35 30.94 20.00
CA ALA B 144 6.82 31.03 18.61
C ALA B 144 7.84 31.64 17.64
N ALA B 145 7.49 31.69 16.36
CA ALA B 145 8.24 32.28 15.22
C ALA B 145 8.90 31.18 14.37
N VAL B 146 8.34 30.91 13.17
CA VAL B 146 8.68 29.72 12.34
C VAL B 146 9.22 30.19 10.99
N LYS B 147 10.47 29.84 10.70
CA LYS B 147 11.18 30.20 9.45
C LYS B 147 11.25 28.93 8.58
N LEU B 148 11.21 29.10 7.25
CA LEU B 148 11.11 28.05 6.22
C LEU B 148 12.53 27.67 5.73
N ALA B 149 12.80 26.40 5.44
CA ALA B 149 14.15 25.88 5.12
C ALA B 149 14.14 24.90 3.94
N ASP B 150 15.32 24.39 3.60
CA ASP B 150 15.66 23.46 2.47
C ASP B 150 14.94 23.88 1.19
N PHE B 151 15.69 24.56 0.30
CA PHE B 151 15.27 24.89 -1.09
C PHE B 151 16.04 23.99 -2.06
N GLY B 152 16.48 22.82 -1.56
CA GLY B 152 17.18 21.79 -2.34
C GLY B 152 16.37 21.34 -3.53
N LEU B 153 15.04 21.47 -3.46
CA LEU B 153 14.12 21.07 -4.57
C LEU B 153 13.39 22.29 -5.14
N ALA B 154 13.66 23.50 -4.63
CA ALA B 154 13.04 24.75 -5.10
C ALA B 154 13.38 24.98 -6.57
N ILE B 155 12.48 25.61 -7.31
CA ILE B 155 12.61 25.90 -8.77
C ILE B 155 12.34 27.38 -9.01
N GLU B 156 12.71 27.89 -10.18
CA GLU B 156 12.43 29.27 -10.61
C GLU B 156 11.36 29.23 -11.70
N VAL B 157 10.26 29.94 -11.51
CA VAL B 157 9.24 30.18 -12.57
C VAL B 157 9.44 31.58 -13.16
N GLU B 158 9.13 31.73 -14.45
CA GLU B 158 8.89 33.01 -15.13
C GLU B 158 7.39 33.31 -14.98
N GLY B 159 7.05 34.31 -14.17
CA GLY B 159 5.65 34.77 -13.94
C GLY B 159 4.76 33.59 -13.61
N GLU B 160 3.51 33.62 -14.07
CA GLU B 160 2.50 32.56 -13.79
C GLU B 160 2.69 31.38 -14.76
N GLN B 161 3.76 31.37 -15.55
CA GLN B 161 3.93 30.35 -16.63
C GLN B 161 4.11 29.00 -15.95
N GLN B 162 3.15 28.09 -16.16
CA GLN B 162 3.17 26.68 -15.70
C GLN B 162 4.06 25.88 -16.68
N ALA B 163 4.70 24.81 -16.20
CA ALA B 163 5.57 23.93 -17.02
C ALA B 163 5.87 22.64 -16.25
N TRP B 164 6.24 21.57 -16.97
CA TRP B 164 6.66 20.29 -16.34
C TRP B 164 8.10 20.43 -15.84
N PHE B 165 8.26 20.64 -14.52
CA PHE B 165 9.55 20.88 -13.84
C PHE B 165 10.07 19.57 -13.19
N GLY B 166 9.50 18.44 -13.58
CA GLY B 166 9.91 17.11 -13.09
C GLY B 166 9.07 16.66 -11.90
N PHE B 167 9.16 15.37 -11.58
CA PHE B 167 8.43 14.70 -10.48
C PHE B 167 9.36 14.71 -9.25
N ALA B 168 9.09 15.61 -8.30
CA ALA B 168 9.89 15.79 -7.07
C ALA B 168 9.01 16.26 -5.90
N GLY B 169 9.47 16.02 -4.67
CA GLY B 169 8.76 16.43 -3.45
C GLY B 169 8.71 15.28 -2.45
N THR B 170 7.72 15.31 -1.55
CA THR B 170 7.51 14.26 -0.51
C THR B 170 6.10 13.70 -0.69
N PRO B 171 5.96 12.35 -0.75
CA PRO B 171 4.71 11.73 -1.18
C PRO B 171 3.43 12.22 -0.46
N GLY B 172 3.49 12.43 0.87
CA GLY B 172 2.36 12.95 1.66
C GLY B 172 1.81 14.27 1.12
N TYR B 173 2.68 15.14 0.60
CA TYR B 173 2.41 16.58 0.37
C TYR B 173 2.47 16.90 -1.12
N LEU B 174 2.54 15.90 -1.99
CA LEU B 174 2.57 16.11 -3.46
C LEU B 174 1.21 16.61 -3.95
N SER B 175 1.22 17.46 -4.97
CA SER B 175 0.02 18.02 -5.63
C SER B 175 -0.58 16.98 -6.57
N PRO B 176 -1.92 16.96 -6.74
CA PRO B 176 -2.52 16.25 -7.86
C PRO B 176 -1.78 16.50 -9.18
N GLU B 177 -1.58 17.77 -9.55
CA GLU B 177 -1.03 18.18 -10.88
C GLU B 177 0.35 17.54 -11.11
N VAL B 178 1.09 17.20 -10.05
CA VAL B 178 2.47 16.65 -10.14
C VAL B 178 2.40 15.13 -10.34
N LEU B 179 1.49 14.46 -9.63
CA LEU B 179 1.26 12.99 -9.73
C LEU B 179 0.66 12.67 -11.11
N ARG B 180 -0.21 13.55 -11.60
CA ARG B 180 -0.90 13.46 -12.92
C ARG B 180 0.11 13.73 -14.05
N LYS B 181 1.37 14.06 -13.71
CA LYS B 181 2.49 14.46 -14.62
C LYS B 181 1.98 15.51 -15.63
N ASP B 182 1.14 16.44 -15.14
CA ASP B 182 0.69 17.68 -15.81
C ASP B 182 1.67 18.79 -15.48
N PRO B 183 1.75 19.87 -16.31
CA PRO B 183 2.56 21.03 -15.95
C PRO B 183 1.96 21.74 -14.73
N TYR B 184 2.79 22.43 -13.94
CA TYR B 184 2.40 23.04 -12.64
C TYR B 184 3.22 24.32 -12.35
N GLY B 185 2.95 24.93 -11.19
CA GLY B 185 3.68 26.12 -10.72
C GLY B 185 3.43 26.40 -9.26
N LYS B 186 3.15 27.65 -8.91
CA LYS B 186 3.00 28.13 -7.51
C LYS B 186 1.94 27.34 -6.77
N PRO B 187 0.77 27.01 -7.36
CA PRO B 187 -0.30 26.35 -6.62
C PRO B 187 0.15 25.06 -5.91
N VAL B 188 1.18 24.36 -6.41
CA VAL B 188 1.68 23.11 -5.79
C VAL B 188 2.02 23.36 -4.32
N ASP B 189 2.57 24.53 -4.00
CA ASP B 189 2.97 24.89 -2.61
C ASP B 189 1.72 25.14 -1.76
N LEU B 190 0.68 25.75 -2.34
CA LEU B 190 -0.62 26.00 -1.63
C LEU B 190 -1.28 24.66 -1.31
N TRP B 191 -1.18 23.66 -2.19
CA TRP B 191 -1.70 22.30 -1.89
C TRP B 191 -1.01 21.80 -0.63
N ALA B 192 0.32 21.83 -0.59
CA ALA B 192 1.11 21.40 0.58
C ALA B 192 0.59 22.12 1.82
N CYS B 193 0.40 23.44 1.74
CA CYS B 193 -0.08 24.29 2.87
C CYS B 193 -1.43 23.77 3.37
N GLY B 194 -2.28 23.28 2.46
CA GLY B 194 -3.52 22.56 2.80
C GLY B 194 -3.24 21.39 3.75
N VAL B 195 -2.37 20.48 3.32
CA VAL B 195 -1.92 19.30 4.12
C VAL B 195 -1.42 19.80 5.48
N ILE B 196 -0.52 20.78 5.49
CA ILE B 196 0.21 21.22 6.70
C ILE B 196 -0.79 21.77 7.72
N LEU B 197 -1.78 22.54 7.26
CA LEU B 197 -2.82 23.15 8.14
C LEU B 197 -3.62 22.03 8.82
N TYR B 198 -4.04 21.03 8.04
CA TYR B 198 -4.80 19.85 8.50
C TYR B 198 -4.04 19.19 9.66
N ILE B 199 -2.78 18.82 9.39
CA ILE B 199 -1.85 18.21 10.38
C ILE B 199 -1.85 19.08 11.63
N LEU B 200 -1.63 20.38 11.41
CA LEU B 200 -1.54 21.42 12.47
C LEU B 200 -2.73 21.27 13.44
N LEU B 201 -3.93 20.96 12.93
CA LEU B 201 -5.19 21.05 13.72
C LEU B 201 -5.42 19.79 14.56
N VAL B 202 -5.16 18.58 14.02
CA VAL B 202 -5.62 17.29 14.62
C VAL B 202 -4.48 16.28 14.83
N GLY B 203 -3.29 16.49 14.24
CA GLY B 203 -2.07 15.75 14.59
C GLY B 203 -1.78 14.58 13.66
N TYR B 204 -2.49 14.48 12.53
CA TYR B 204 -2.33 13.44 11.49
C TYR B 204 -2.67 14.01 10.11
N PRO B 205 -2.17 13.41 8.99
CA PRO B 205 -2.35 13.99 7.67
C PRO B 205 -3.64 13.56 6.97
N PRO B 206 -4.18 14.41 6.08
CA PRO B 206 -5.48 14.15 5.44
C PRO B 206 -5.44 12.99 4.43
N PHE B 207 -4.23 12.62 4.00
CA PHE B 207 -3.95 11.53 3.03
C PHE B 207 -2.87 10.63 3.63
N TRP B 208 -3.16 9.34 3.77
CA TRP B 208 -2.16 8.35 4.24
C TRP B 208 -2.57 6.94 3.84
N ASP B 209 -1.56 6.10 3.54
CA ASP B 209 -1.69 4.67 3.12
C ASP B 209 -0.27 4.09 3.00
N GLU B 210 -0.08 2.89 3.54
CA GLU B 210 1.23 2.20 3.60
C GLU B 210 1.69 1.90 2.16
N ASP B 211 0.79 1.46 1.28
CA ASP B 211 1.10 1.35 -0.18
C ASP B 211 1.02 2.75 -0.79
N GLN B 212 2.13 3.19 -1.37
CA GLN B 212 2.32 4.49 -2.04
C GLN B 212 1.35 4.67 -3.21
N HIS B 213 1.09 3.65 -4.03
CA HIS B 213 0.24 3.81 -5.24
C HIS B 213 -1.17 4.28 -4.84
N ARG B 214 -1.65 3.84 -3.67
CA ARG B 214 -3.02 4.16 -3.19
C ARG B 214 -2.98 5.58 -2.63
N LEU B 215 -1.98 5.88 -1.80
CA LEU B 215 -1.71 7.25 -1.26
C LEU B 215 -1.84 8.28 -2.38
N TYR B 216 -1.28 7.97 -3.56
CA TYR B 216 -1.31 8.86 -4.76
C TYR B 216 -2.74 8.90 -5.31
N LYS B 217 -3.41 7.75 -5.43
CA LYS B 217 -4.80 7.70 -5.97
C LYS B 217 -5.71 8.54 -5.05
N GLN B 218 -5.44 8.50 -3.74
CA GLN B 218 -6.13 9.31 -2.68
C GLN B 218 -6.04 10.79 -3.05
N ILE B 219 -4.81 11.32 -3.11
CA ILE B 219 -4.49 12.75 -3.37
C ILE B 219 -5.24 13.19 -4.63
N LYS B 220 -4.99 12.53 -5.77
CA LYS B 220 -5.55 12.90 -7.11
C LYS B 220 -7.06 13.14 -7.01
N ALA B 221 -7.76 12.33 -6.22
CA ALA B 221 -9.25 12.29 -6.14
C ALA B 221 -9.78 13.18 -5.02
N GLY B 222 -8.90 13.94 -4.34
CA GLY B 222 -9.28 14.81 -3.21
C GLY B 222 -10.00 14.03 -2.11
N ALA B 223 -9.46 12.87 -1.74
CA ALA B 223 -10.05 11.90 -0.79
C ALA B 223 -9.58 12.17 0.64
N TYR B 224 -10.03 13.29 1.22
CA TYR B 224 -9.85 13.69 2.64
C TYR B 224 -11.25 13.88 3.25
N ASP B 225 -11.34 13.84 4.58
CA ASP B 225 -12.61 14.09 5.32
C ASP B 225 -12.25 14.58 6.73
N PHE B 226 -13.23 14.80 7.60
CA PHE B 226 -13.05 15.37 8.96
C PHE B 226 -13.63 14.39 9.99
N PRO B 227 -12.88 13.34 10.37
CA PRO B 227 -13.34 12.37 11.38
C PRO B 227 -13.74 12.89 12.76
N SER B 228 -14.57 12.11 13.48
CA SER B 228 -15.04 12.35 14.87
C SER B 228 -14.19 11.54 15.85
N PRO B 229 -14.03 11.96 17.13
CA PRO B 229 -14.72 13.13 17.69
C PRO B 229 -14.11 14.50 17.32
N GLU B 230 -12.82 14.51 16.94
CA GLU B 230 -11.90 15.66 17.11
C GLU B 230 -12.27 16.81 16.16
N TRP B 231 -12.78 16.51 14.95
CA TRP B 231 -13.07 17.52 13.90
C TRP B 231 -14.46 18.15 14.08
N ASP B 232 -15.32 17.58 14.93
CA ASP B 232 -16.74 18.00 15.10
C ASP B 232 -16.78 19.40 15.73
N THR B 233 -15.81 19.70 16.60
CA THR B 233 -15.72 20.93 17.43
C THR B 233 -15.09 22.06 16.61
N VAL B 234 -14.28 21.72 15.60
CA VAL B 234 -13.40 22.66 14.82
C VAL B 234 -14.28 23.57 13.96
N THR B 235 -14.04 24.89 14.00
CA THR B 235 -14.89 25.91 13.33
C THR B 235 -15.05 25.52 11.87
N PRO B 236 -16.20 25.86 11.24
CA PRO B 236 -16.38 25.61 9.82
C PRO B 236 -15.48 26.50 8.93
N GLU B 237 -15.06 27.66 9.45
CA GLU B 237 -14.18 28.59 8.68
C GLU B 237 -12.84 27.89 8.47
N ALA B 238 -12.24 27.34 9.51
CA ALA B 238 -10.97 26.55 9.43
C ALA B 238 -11.14 25.47 8.36
N LYS B 239 -12.24 24.72 8.42
CA LYS B 239 -12.53 23.70 7.39
C LYS B 239 -12.48 24.38 6.03
N ASP B 240 -13.22 25.47 5.83
CA ASP B 240 -13.38 26.17 4.51
C ASP B 240 -12.02 26.40 3.85
N LEU B 241 -11.06 26.93 4.62
CA LEU B 241 -9.70 27.30 4.13
C LEU B 241 -9.00 26.03 3.61
N ILE B 242 -8.99 24.98 4.43
CA ILE B 242 -8.43 23.65 4.05
C ILE B 242 -9.09 23.18 2.74
N ASN B 243 -10.40 23.35 2.61
CA ASN B 243 -11.16 22.90 1.40
C ASN B 243 -10.68 23.70 0.18
N LYS B 244 -10.36 24.98 0.36
CA LYS B 244 -9.91 25.89 -0.74
C LYS B 244 -8.42 25.66 -1.05
N MET B 245 -7.67 25.09 -0.11
CA MET B 245 -6.23 24.76 -0.29
C MET B 245 -6.12 23.38 -0.97
N LEU B 246 -6.96 22.42 -0.57
CA LEU B 246 -7.04 21.05 -1.14
C LEU B 246 -8.10 21.01 -2.25
N THR B 247 -8.37 22.15 -2.88
CA THR B 247 -9.10 22.20 -4.17
C THR B 247 -8.22 21.51 -5.20
N ILE B 248 -8.86 20.67 -6.01
CA ILE B 248 -8.24 19.49 -6.69
C ILE B 248 -7.69 19.97 -8.03
N ASN B 249 -8.44 20.84 -8.70
CA ASN B 249 -7.98 21.62 -9.88
C ASN B 249 -7.13 22.78 -9.36
N PRO B 250 -5.89 22.98 -9.86
CA PRO B 250 -4.97 23.98 -9.31
C PRO B 250 -5.31 25.44 -9.64
N SER B 251 -6.00 25.70 -10.76
CA SER B 251 -6.34 27.07 -11.21
C SER B 251 -7.49 27.65 -10.35
N LYS B 252 -8.35 26.80 -9.77
CA LYS B 252 -9.47 27.24 -8.88
C LYS B 252 -8.98 27.26 -7.43
N ARG B 253 -7.82 26.66 -7.14
CA ARG B 253 -7.23 26.59 -5.77
C ARG B 253 -6.87 28.02 -5.33
N ILE B 254 -6.86 28.26 -4.02
CA ILE B 254 -6.55 29.58 -3.40
C ILE B 254 -5.06 29.88 -3.53
N THR B 255 -4.70 31.13 -3.81
CA THR B 255 -3.29 31.62 -3.88
C THR B 255 -2.83 31.97 -2.46
N ALA B 256 -1.52 32.14 -2.26
CA ALA B 256 -0.93 32.51 -0.94
C ALA B 256 -1.57 33.81 -0.47
N ALA B 257 -1.72 34.78 -1.38
CA ALA B 257 -2.28 36.12 -1.10
C ALA B 257 -3.75 35.97 -0.69
N GLU B 258 -4.57 35.30 -1.52
CA GLU B 258 -6.01 35.03 -1.23
C GLU B 258 -6.13 34.41 0.15
N ALA B 259 -5.31 33.40 0.45
CA ALA B 259 -5.28 32.63 1.72
C ALA B 259 -5.12 33.59 2.91
N LEU B 260 -4.16 34.51 2.83
CA LEU B 260 -3.80 35.42 3.95
C LEU B 260 -4.95 36.40 4.26
N LYS B 261 -5.90 36.55 3.33
CA LYS B 261 -7.03 37.52 3.46
C LYS B 261 -8.29 36.78 3.92
N HIS B 262 -8.25 35.45 3.99
CA HIS B 262 -9.39 34.61 4.43
C HIS B 262 -9.73 34.95 5.87
N PRO B 263 -11.04 35.03 6.23
CA PRO B 263 -11.45 35.36 7.61
C PRO B 263 -10.67 34.64 8.71
N TRP B 264 -10.42 33.33 8.57
CA TRP B 264 -9.78 32.48 9.61
C TRP B 264 -8.38 33.00 9.97
N ILE B 265 -7.73 33.74 9.06
CA ILE B 265 -6.37 34.32 9.28
C ILE B 265 -6.49 35.79 9.73
N SER B 266 -7.35 36.58 9.08
CA SER B 266 -7.55 38.04 9.36
C SER B 266 -8.92 38.30 10.01
N HIS B 267 -9.03 38.16 11.33
CA HIS B 267 -10.30 38.26 12.11
C HIS B 267 -10.20 39.34 13.18
N ARG C 1 5.11 -0.73 4.58
CA ARG C 1 5.26 0.36 3.58
C ARG C 1 5.83 -0.24 2.28
N THR C 2 5.12 -0.04 1.16
CA THR C 2 5.61 -0.35 -0.22
C THR C 2 5.75 0.95 -1.00
N LEU C 3 6.71 1.00 -1.93
CA LEU C 3 6.95 2.14 -2.87
C LEU C 3 5.98 2.02 -4.06
N ASP C 4 6.03 2.98 -4.98
CA ASP C 4 5.18 3.01 -6.21
C ASP C 4 5.89 2.24 -7.32
N SER C 5 6.45 1.05 -7.03
CA SER C 5 7.16 0.20 -8.02
C SER C 5 6.67 -1.25 -7.97
N HIS C 6 6.67 -1.91 -9.13
CA HIS C 6 6.26 -3.32 -9.34
C HIS C 6 7.04 -4.24 -8.39
N ALA C 7 8.36 -4.08 -8.35
CA ALA C 7 9.24 -4.85 -7.45
C ALA C 7 8.76 -4.69 -6.01
N SER C 8 8.26 -3.51 -5.63
CA SER C 8 7.83 -3.21 -4.25
C SER C 8 6.53 -3.97 -3.94
N ARG C 9 5.49 -3.75 -4.75
CA ARG C 9 4.13 -4.33 -4.59
C ARG C 9 4.19 -5.86 -4.50
N MET C 10 5.17 -6.49 -5.16
CA MET C 10 5.34 -7.97 -5.17
C MET C 10 5.70 -8.50 -3.78
N THR C 11 6.07 -7.64 -2.82
CA THR C 11 6.33 -8.02 -1.41
C THR C 11 5.02 -8.15 -0.62
N GLN C 12 3.94 -7.54 -1.11
CA GLN C 12 2.57 -7.61 -0.52
C GLN C 12 2.05 -9.06 -0.56
N LEU C 13 2.63 -9.94 -1.39
CA LEU C 13 2.18 -11.34 -1.61
C LEU C 13 2.83 -12.28 -0.57
N LYS C 14 2.13 -12.56 0.54
CA LYS C 14 2.55 -13.58 1.55
C LYS C 14 1.40 -14.59 1.72
N LYS C 15 1.71 -15.80 2.20
CA LYS C 15 0.69 -16.83 2.54
C LYS C 15 -0.15 -16.30 3.70
N GLN C 16 -1.38 -16.78 3.83
CA GLN C 16 -2.39 -16.27 4.78
C GLN C 16 -3.14 -17.46 5.38
N ALA C 17 -3.16 -17.56 6.71
CA ALA C 17 -4.02 -18.52 7.44
C ALA C 17 -5.48 -18.15 7.15
N ALA C 18 -6.43 -19.01 7.53
CA ALA C 18 -7.88 -18.78 7.38
C ALA C 18 -8.46 -18.17 8.65
N LEU C 19 -9.63 -17.51 8.50
CA LEU C 19 -10.62 -17.07 9.55
C LEU C 19 -10.85 -15.57 9.44
N ASP D 4 -9.79 2.99 15.43
CA ASP D 4 -10.67 4.00 14.75
C ASP D 4 -10.96 5.14 15.73
N SER D 5 -9.90 5.72 16.32
CA SER D 5 -9.95 6.77 17.38
C SER D 5 -8.89 7.86 17.07
N HIS D 6 -9.09 9.08 17.58
CA HIS D 6 -8.17 10.26 17.44
C HIS D 6 -6.75 9.85 17.86
N ALA D 7 -6.62 9.26 19.05
CA ALA D 7 -5.33 8.78 19.59
C ALA D 7 -4.68 7.83 18.57
N SER D 8 -5.47 7.02 17.87
CA SER D 8 -4.99 6.02 16.88
C SER D 8 -4.40 6.72 15.65
N ARG D 9 -5.21 7.55 14.98
CA ARG D 9 -4.88 8.25 13.72
C ARG D 9 -3.60 9.10 13.90
N MET D 10 -3.34 9.61 15.11
CA MET D 10 -2.17 10.46 15.42
C MET D 10 -0.86 9.66 15.29
N THR D 11 -0.91 8.34 15.18
CA THR D 11 0.27 7.46 14.92
C THR D 11 0.61 7.43 13.42
N GLN D 12 -0.34 7.81 12.55
CA GLN D 12 -0.11 7.95 11.08
C GLN D 12 0.93 9.05 10.78
N LEU D 13 1.21 9.94 11.74
CA LEU D 13 2.19 11.05 11.61
C LEU D 13 3.57 10.56 12.05
N LYS D 14 4.37 10.09 11.09
CA LYS D 14 5.84 9.94 11.18
C LYS D 14 6.46 10.89 10.13
N LYS D 15 7.76 11.20 10.26
CA LYS D 15 8.52 12.01 9.27
C LYS D 15 8.50 11.29 7.93
N GLN D 16 8.67 12.02 6.84
CA GLN D 16 8.75 11.43 5.47
C GLN D 16 9.96 12.04 4.74
N ALA D 17 10.90 11.20 4.30
CA ALA D 17 11.97 11.62 3.38
C ALA D 17 11.33 12.03 2.06
N ALA D 18 12.08 12.67 1.18
CA ALA D 18 11.62 13.08 -0.17
C ALA D 18 12.03 12.02 -1.18
N LEU D 19 11.39 12.00 -2.33
CA LEU D 19 11.78 11.16 -3.50
C LEU D 19 13.16 11.63 -4.00
#